data_7CCH
#
_entry.id   7CCH
#
_cell.length_a   141.052
_cell.length_b   141.052
_cell.length_c   50.826
_cell.angle_alpha   90.000
_cell.angle_beta   90.000
_cell.angle_gamma   120.000
#
_symmetry.space_group_name_H-M   'P 65 2 2'
#
_entity_poly.entity_id   1
_entity_poly.type   'polypeptide(L)'
_entity_poly.pdbx_seq_one_letter_code
;MGHHHHHHKNAQVWNAAIAHELRTPITILQGRLQGIIDGVFKPDEVLFKSLLNQVEVLSHLVEDLRTLSLVENQQLRLNY
ELFDFKAVVEKVLKAFEDRLDQAKLVPELDLTSTPVYCDRRRIEQVLIALIDNAIRYSHAGKLKISSEVVSQNWILKIED
EGPGIATEFQDDLFKPFFRLEESRNKEFGGTGLGLAVVHAIIVALKGTIQYSNQGSKSIFTIKISMNN
;
_entity_poly.pdbx_strand_id   A
#
# COMPACT_ATOMS: atom_id res chain seq x y z
N ALA A 17 8.83 21.43 -3.93
CA ALA A 17 8.61 20.06 -4.36
C ALA A 17 9.87 19.21 -4.14
N ILE A 18 9.71 18.02 -3.58
CA ILE A 18 8.44 17.57 -3.03
C ILE A 18 8.60 17.33 -1.51
N ALA A 19 9.50 16.48 -0.97
CA ALA A 19 10.26 15.33 -1.49
C ALA A 19 11.13 14.89 -0.32
N HIS A 20 11.85 15.87 0.23
CA HIS A 20 12.97 15.61 1.13
C HIS A 20 12.52 15.06 2.47
N GLU A 21 11.28 14.56 2.56
CA GLU A 21 10.89 13.79 3.72
C GLU A 21 11.68 12.50 3.82
N LEU A 22 12.33 12.08 2.73
CA LEU A 22 13.27 10.97 2.74
C LEU A 22 14.69 11.40 3.08
N ARG A 23 14.92 12.69 3.30
CA ARG A 23 16.21 13.17 3.76
C ARG A 23 16.44 12.88 5.24
N THR A 24 15.44 12.35 5.93
CA THR A 24 15.61 12.03 7.35
C THR A 24 16.08 10.60 7.57
N PRO A 25 15.55 9.58 6.87
CA PRO A 25 16.12 8.23 7.07
C PRO A 25 17.58 8.16 6.71
N ILE A 26 18.05 9.02 5.81
CA ILE A 26 19.47 9.09 5.49
C ILE A 26 20.25 9.58 6.70
N THR A 27 19.86 10.74 7.24
CA THR A 27 20.58 11.33 8.35
C THR A 27 20.64 10.39 9.55
N ILE A 28 19.48 9.86 9.97
CA ILE A 28 19.46 8.92 11.08
C ILE A 28 20.24 7.66 10.75
N LEU A 29 20.40 7.34 9.46
CA LEU A 29 21.33 6.29 9.09
C LEU A 29 22.77 6.75 9.27
N GLN A 30 23.09 7.93 8.72
CA GLN A 30 24.42 8.50 8.85
C GLN A 30 24.89 8.47 10.30
N GLY A 31 24.19 9.20 11.16
CA GLY A 31 24.52 9.19 12.58
C GLY A 31 24.65 7.79 13.14
N ARG A 32 23.71 6.91 12.76
CA ARG A 32 23.79 5.52 13.21
C ARG A 32 25.14 4.92 12.83
N LEU A 33 25.51 5.02 11.56
CA LEU A 33 26.84 4.58 11.14
C LEU A 33 27.91 5.30 11.94
N GLN A 34 27.78 6.62 12.07
CA GLN A 34 28.75 7.37 12.86
C GLN A 34 28.74 6.93 14.32
N GLY A 35 27.58 6.49 14.82
CA GLY A 35 27.52 5.96 16.17
C GLY A 35 28.40 4.75 16.36
N ILE A 36 28.55 3.93 15.31
CA ILE A 36 29.45 2.79 15.41
C ILE A 36 30.90 3.24 15.31
N ILE A 37 31.14 4.37 14.64
CA ILE A 37 32.52 4.82 14.46
C ILE A 37 33.01 5.56 15.70
N ASP A 38 32.18 6.44 16.26
CA ASP A 38 32.57 7.18 17.45
C ASP A 38 32.66 6.30 18.69
N GLY A 39 32.20 5.07 18.63
CA GLY A 39 32.36 4.15 19.74
C GLY A 39 31.26 4.19 20.77
N VAL A 40 30.01 4.30 20.31
CA VAL A 40 28.86 4.25 21.21
C VAL A 40 27.98 3.03 20.96
N PHE A 41 28.11 2.37 19.82
CA PHE A 41 27.33 1.19 19.49
C PHE A 41 28.26 0.03 19.15
N LYS A 42 27.94 -1.15 19.68
CA LYS A 42 28.73 -2.34 19.35
C LYS A 42 28.10 -3.06 18.16
N PRO A 43 28.86 -3.31 17.11
CA PRO A 43 28.27 -3.92 15.90
C PRO A 43 27.92 -5.40 16.07
N ASP A 44 26.68 -5.68 16.46
CA ASP A 44 26.17 -7.03 16.57
C ASP A 44 25.23 -7.31 15.38
N GLU A 45 24.59 -8.48 15.42
CA GLU A 45 23.71 -8.87 14.31
C GLU A 45 22.48 -7.98 14.25
N VAL A 46 21.96 -7.56 15.41
CA VAL A 46 20.78 -6.70 15.42
C VAL A 46 21.09 -5.34 14.82
N LEU A 47 22.31 -4.84 15.02
CA LEU A 47 22.69 -3.55 14.44
C LEU A 47 22.70 -3.63 12.92
N PHE A 48 23.30 -4.68 12.36
CA PHE A 48 23.32 -4.84 10.91
C PHE A 48 21.91 -5.04 10.37
N LYS A 49 21.07 -5.78 11.11
CA LYS A 49 19.68 -5.93 10.72
C LYS A 49 18.98 -4.59 10.65
N SER A 50 19.19 -3.74 11.65
CA SER A 50 18.55 -2.42 11.67
C SER A 50 19.04 -1.56 10.52
N LEU A 51 20.34 -1.58 10.25
CA LEU A 51 20.87 -0.81 9.12
C LEU A 51 20.27 -1.29 7.81
N LEU A 52 20.20 -2.62 7.63
CA LEU A 52 19.61 -3.16 6.41
C LEU A 52 18.14 -2.78 6.29
N ASN A 53 17.43 -2.75 7.42
CA ASN A 53 16.01 -2.38 7.38
C ASN A 53 15.83 -0.91 7.03
N GLN A 54 16.70 -0.04 7.55
CA GLN A 54 16.64 1.37 7.17
C GLN A 54 16.91 1.56 5.69
N VAL A 55 17.90 0.84 5.16
CA VAL A 55 18.16 0.92 3.72
C VAL A 55 16.96 0.40 2.93
N GLU A 56 16.27 -0.62 3.45
CA GLU A 56 15.06 -1.11 2.78
C GLU A 56 13.95 -0.07 2.82
N VAL A 57 13.84 0.69 3.90
CA VAL A 57 12.87 1.77 3.97
C VAL A 57 13.16 2.81 2.89
N LEU A 58 14.43 3.19 2.76
CA LEU A 58 14.82 4.13 1.71
C LEU A 58 14.52 3.56 0.33
N SER A 59 14.76 2.27 0.13
CA SER A 59 14.45 1.65 -1.16
C SER A 59 12.95 1.71 -1.45
N HIS A 60 12.13 1.41 -0.45
CA HIS A 60 10.68 1.53 -0.60
C HIS A 60 10.30 2.94 -1.02
N LEU A 61 10.90 3.94 -0.36
CA LEU A 61 10.57 5.33 -0.66
C LEU A 61 10.97 5.70 -2.08
N VAL A 62 12.17 5.29 -2.51
CA VAL A 62 12.59 5.67 -3.86
C VAL A 62 11.78 4.93 -4.91
N GLU A 63 11.35 3.69 -4.64
CA GLU A 63 10.50 2.99 -5.58
C GLU A 63 9.15 3.69 -5.72
N ASP A 64 8.55 4.06 -4.59
CA ASP A 64 7.27 4.77 -4.66
C ASP A 64 7.41 6.11 -5.37
N LEU A 65 8.54 6.80 -5.14
CA LEU A 65 8.78 8.06 -5.84
C LEU A 65 8.93 7.85 -7.34
N ARG A 66 9.62 6.78 -7.73
CA ARG A 66 9.75 6.44 -9.15
C ARG A 66 8.38 6.21 -9.77
N THR A 67 7.53 5.44 -9.08
CA THR A 67 6.18 5.19 -9.59
C THR A 67 5.40 6.49 -9.74
N LEU A 68 5.46 7.36 -8.72
CA LEU A 68 4.74 8.63 -8.80
C LEU A 68 5.22 9.48 -9.97
N SER A 69 6.54 9.56 -10.16
CA SER A 69 7.08 10.37 -11.25
C SER A 69 6.72 9.77 -12.60
N LEU A 70 6.64 8.44 -12.70
CA LEU A 70 6.17 7.82 -13.93
C LEU A 70 4.71 8.19 -14.21
N VAL A 71 3.87 8.18 -13.17
CA VAL A 71 2.46 8.48 -13.37
C VAL A 71 2.27 9.95 -13.76
N GLU A 72 3.02 10.86 -13.12
CA GLU A 72 2.82 12.28 -13.35
C GLU A 72 3.19 12.72 -14.76
N ASN A 73 3.89 11.88 -15.52
CA ASN A 73 4.26 12.21 -16.90
C ASN A 73 3.60 11.29 -17.91
N GLN A 74 2.64 10.47 -17.48
CA GLN A 74 1.91 9.55 -18.36
C GLN A 74 2.88 8.61 -19.10
N GLN A 75 3.93 8.18 -18.41
CA GLN A 75 4.89 7.23 -18.95
C GLN A 75 4.80 5.87 -18.27
N LEU A 76 3.79 5.66 -17.43
CA LEU A 76 3.63 4.40 -16.71
C LEU A 76 3.05 3.35 -17.64
N ARG A 77 3.89 2.41 -18.06
CA ARG A 77 3.45 1.36 -18.98
C ARG A 77 2.41 0.47 -18.31
N LEU A 78 1.27 0.29 -18.98
CA LEU A 78 0.20 -0.55 -18.49
C LEU A 78 0.04 -1.78 -19.39
N ASN A 79 -0.25 -2.92 -18.78
CA ASN A 79 -0.46 -4.17 -19.51
C ASN A 79 -1.79 -4.75 -19.05
N TYR A 80 -2.81 -4.57 -19.88
CA TYR A 80 -4.15 -5.07 -19.55
C TYR A 80 -4.26 -6.56 -19.90
N GLU A 81 -5.01 -7.28 -19.07
CA GLU A 81 -5.27 -8.69 -19.27
C GLU A 81 -6.47 -9.08 -18.42
N LEU A 82 -6.99 -10.27 -18.71
CA LEU A 82 -8.13 -10.83 -17.99
C LEU A 82 -7.60 -11.82 -16.96
N PHE A 83 -7.80 -11.51 -15.68
CA PHE A 83 -7.23 -12.32 -14.61
C PHE A 83 -8.24 -12.51 -13.48
N ASP A 84 -7.98 -13.52 -12.66
CA ASP A 84 -8.80 -13.80 -11.49
C ASP A 84 -8.22 -13.05 -10.29
N PHE A 85 -9.06 -12.18 -9.69
CA PHE A 85 -8.59 -11.33 -8.61
C PHE A 85 -8.37 -12.10 -7.32
N LYS A 86 -9.09 -13.22 -7.14
CA LYS A 86 -8.93 -14.01 -5.92
C LYS A 86 -7.53 -14.58 -5.81
N ALA A 87 -6.91 -14.96 -6.93
CA ALA A 87 -5.55 -15.48 -6.88
C ALA A 87 -4.57 -14.40 -6.42
N VAL A 88 -4.72 -13.18 -6.93
CA VAL A 88 -3.86 -12.08 -6.50
C VAL A 88 -4.07 -11.80 -5.01
N VAL A 89 -5.32 -11.87 -4.56
CA VAL A 89 -5.60 -11.66 -3.14
C VAL A 89 -4.92 -12.72 -2.30
N GLU A 90 -5.01 -13.98 -2.72
CA GLU A 90 -4.34 -15.06 -2.00
C GLU A 90 -2.83 -14.84 -1.95
N LYS A 91 -2.23 -14.45 -3.08
CA LYS A 91 -0.80 -14.21 -3.12
C LYS A 91 -0.38 -13.11 -2.15
N VAL A 92 -1.09 -11.98 -2.18
CA VAL A 92 -0.72 -10.85 -1.34
C VAL A 92 -0.99 -11.15 0.13
N LEU A 93 -2.01 -11.96 0.43
CA LEU A 93 -2.30 -12.29 1.82
C LEU A 93 -1.34 -13.33 2.37
N LYS A 94 -0.79 -14.20 1.51
CA LYS A 94 0.26 -15.11 1.96
C LYS A 94 1.59 -14.39 2.11
N ALA A 95 1.84 -13.36 1.28
CA ALA A 95 3.05 -12.57 1.45
C ALA A 95 3.04 -11.74 2.73
N PHE A 96 1.88 -11.58 3.36
CA PHE A 96 1.76 -10.81 4.59
C PHE A 96 1.22 -11.66 5.75
N GLU A 97 1.25 -12.98 5.61
CA GLU A 97 0.58 -13.85 6.57
C GLU A 97 1.13 -13.67 7.98
N ASP A 98 2.45 -13.76 8.13
CA ASP A 98 3.05 -13.62 9.45
C ASP A 98 2.80 -12.23 10.04
N ARG A 99 2.95 -11.19 9.22
CA ARG A 99 2.68 -9.84 9.71
C ARG A 99 1.20 -9.62 9.97
N LEU A 100 0.32 -10.29 9.20
CA LEU A 100 -1.11 -10.20 9.49
C LEU A 100 -1.43 -10.81 10.84
N ASP A 101 -0.85 -11.98 11.14
CA ASP A 101 -1.09 -12.61 12.43
C ASP A 101 -0.46 -11.82 13.57
N GLN A 102 0.71 -11.22 13.33
CA GLN A 102 1.35 -10.41 14.37
C GLN A 102 0.54 -9.17 14.71
N ALA A 103 -0.22 -8.65 13.75
CA ALA A 103 -1.14 -7.55 13.99
C ALA A 103 -2.54 -8.03 14.36
N LYS A 104 -2.75 -9.34 14.42
CA LYS A 104 -4.07 -9.93 14.72
C LYS A 104 -5.14 -9.44 13.74
N LEU A 105 -4.78 -9.39 12.46
CA LEU A 105 -5.71 -9.03 11.40
C LEU A 105 -6.13 -10.29 10.67
N VAL A 106 -7.39 -10.68 10.83
CA VAL A 106 -7.94 -11.87 10.19
C VAL A 106 -8.61 -11.43 8.87
N PRO A 107 -8.11 -11.87 7.72
CA PRO A 107 -8.73 -11.46 6.46
C PRO A 107 -10.09 -12.12 6.27
N GLU A 108 -11.03 -11.34 5.72
CA GLU A 108 -12.37 -11.83 5.41
C GLU A 108 -12.63 -11.56 3.94
N LEU A 109 -12.92 -12.62 3.19
CA LEU A 109 -13.00 -12.56 1.73
C LEU A 109 -14.46 -12.61 1.29
N ASP A 110 -14.88 -11.60 0.53
CA ASP A 110 -16.15 -11.61 -0.19
C ASP A 110 -15.87 -11.33 -1.67
N LEU A 111 -15.08 -12.21 -2.28
CA LEU A 111 -14.58 -12.01 -3.63
C LEU A 111 -15.45 -12.77 -4.62
N THR A 112 -15.80 -12.11 -5.72
CA THR A 112 -16.58 -12.76 -6.76
C THR A 112 -15.71 -13.75 -7.54
N SER A 113 -16.38 -14.62 -8.28
CA SER A 113 -15.69 -15.64 -9.06
C SER A 113 -15.46 -15.22 -10.51
N THR A 114 -16.12 -14.17 -10.98
CA THR A 114 -15.93 -13.73 -12.35
C THR A 114 -14.62 -12.94 -12.46
N PRO A 115 -13.77 -13.23 -13.44
CA PRO A 115 -12.51 -12.49 -13.58
C PRO A 115 -12.74 -11.03 -13.94
N VAL A 116 -11.66 -10.26 -13.88
CA VAL A 116 -11.69 -8.84 -14.21
C VAL A 116 -10.63 -8.55 -15.25
N TYR A 117 -10.85 -7.50 -16.03
CA TYR A 117 -9.93 -7.06 -17.07
C TYR A 117 -9.24 -5.80 -16.59
N CYS A 118 -7.95 -5.91 -16.25
CA CYS A 118 -7.19 -4.79 -15.73
C CYS A 118 -5.71 -5.16 -15.79
N ASP A 119 -4.87 -4.37 -15.12
CA ASP A 119 -3.44 -4.65 -15.06
C ASP A 119 -3.15 -5.46 -13.79
N ARG A 120 -2.54 -6.63 -13.98
CA ARG A 120 -2.35 -7.55 -12.86
C ARG A 120 -1.37 -6.98 -11.84
N ARG A 121 -0.17 -6.58 -12.28
CA ARG A 121 0.84 -6.15 -11.32
C ARG A 121 0.49 -4.81 -10.68
N ARG A 122 -0.23 -3.95 -11.39
CA ARG A 122 -0.60 -2.67 -10.80
C ARG A 122 -1.65 -2.84 -9.71
N ILE A 123 -2.66 -3.68 -9.97
CA ILE A 123 -3.64 -4.01 -8.94
C ILE A 123 -2.95 -4.69 -7.77
N GLU A 124 -1.98 -5.56 -8.05
CA GLU A 124 -1.23 -6.19 -6.98
C GLU A 124 -0.47 -5.16 -6.15
N GLN A 125 0.10 -4.14 -6.81
CA GLN A 125 0.79 -3.08 -6.09
C GLN A 125 -0.15 -2.34 -5.16
N VAL A 126 -1.32 -1.94 -5.67
CA VAL A 126 -2.23 -1.18 -4.82
C VAL A 126 -2.73 -2.05 -3.67
N LEU A 127 -2.93 -3.35 -3.92
CA LEU A 127 -3.37 -4.23 -2.85
C LEU A 127 -2.28 -4.39 -1.79
N ILE A 128 -1.04 -4.56 -2.23
CA ILE A 128 0.08 -4.66 -1.30
C ILE A 128 0.15 -3.42 -0.42
N ALA A 129 0.09 -2.24 -1.05
CA ALA A 129 0.18 -0.99 -0.29
C ALA A 129 -0.99 -0.86 0.67
N LEU A 130 -2.20 -1.21 0.24
CA LEU A 130 -3.37 -1.03 1.08
C LEU A 130 -3.34 -1.95 2.29
N ILE A 131 -3.01 -3.23 2.09
CA ILE A 131 -2.97 -4.11 3.24
C ILE A 131 -1.74 -3.84 4.10
N ASP A 132 -0.68 -3.26 3.53
CA ASP A 132 0.43 -2.80 4.36
C ASP A 132 -0.02 -1.69 5.29
N ASN A 133 -0.72 -0.69 4.74
CA ASN A 133 -1.27 0.38 5.55
C ASN A 133 -2.24 -0.18 6.59
N ALA A 134 -3.01 -1.20 6.23
CA ALA A 134 -3.93 -1.81 7.18
C ALA A 134 -3.18 -2.44 8.35
N ILE A 135 -2.15 -3.23 8.05
CA ILE A 135 -1.36 -3.87 9.09
C ILE A 135 -0.71 -2.80 9.98
N ARG A 136 -0.28 -1.69 9.38
CA ARG A 136 0.43 -0.67 10.14
C ARG A 136 -0.50 0.28 10.90
N TYR A 137 -1.78 0.33 10.56
CA TYR A 137 -2.63 1.33 11.19
C TYR A 137 -3.94 0.78 11.75
N SER A 138 -4.52 -0.22 11.12
CA SER A 138 -5.83 -0.71 11.55
C SER A 138 -5.72 -1.44 12.89
N HIS A 139 -6.85 -1.51 13.59
CA HIS A 139 -6.93 -2.23 14.85
C HIS A 139 -7.05 -3.74 14.60
N ALA A 140 -6.74 -4.50 15.64
CA ALA A 140 -6.85 -5.95 15.56
C ALA A 140 -8.31 -6.36 15.38
N GLY A 141 -8.57 -7.16 14.37
CA GLY A 141 -9.92 -7.61 14.10
C GLY A 141 -10.07 -8.08 12.66
N LYS A 142 -11.32 -8.05 12.20
CA LYS A 142 -11.62 -8.55 10.86
C LYS A 142 -11.12 -7.58 9.79
N LEU A 143 -10.67 -8.13 8.67
CA LEU A 143 -10.21 -7.37 7.52
C LEU A 143 -11.05 -7.80 6.32
N LYS A 144 -12.02 -6.95 5.94
CA LYS A 144 -12.98 -7.28 4.90
C LYS A 144 -12.41 -6.90 3.54
N ILE A 145 -12.29 -7.89 2.64
CA ILE A 145 -11.86 -7.67 1.27
C ILE A 145 -13.00 -8.14 0.38
N SER A 146 -13.71 -7.20 -0.26
CA SER A 146 -14.82 -7.56 -1.12
C SER A 146 -14.55 -7.04 -2.53
N SER A 147 -15.04 -7.79 -3.52
CA SER A 147 -14.88 -7.42 -4.93
C SER A 147 -16.12 -7.85 -5.69
N GLU A 148 -16.84 -6.87 -6.24
CA GLU A 148 -18.03 -7.12 -7.03
C GLU A 148 -17.86 -6.51 -8.42
N VAL A 149 -18.67 -6.99 -9.35
CA VAL A 149 -18.71 -6.47 -10.71
C VAL A 149 -20.15 -6.06 -11.00
N VAL A 150 -20.38 -4.76 -11.13
CA VAL A 150 -21.73 -4.21 -11.27
C VAL A 150 -21.80 -3.51 -12.62
N SER A 151 -22.16 -4.28 -13.66
CA SER A 151 -22.37 -3.76 -15.01
C SER A 151 -21.18 -2.95 -15.50
N GLN A 152 -20.14 -3.64 -15.98
CA GLN A 152 -18.94 -3.01 -16.52
C GLN A 152 -18.23 -2.12 -15.52
N ASN A 153 -18.53 -2.28 -14.22
CA ASN A 153 -17.85 -1.54 -13.15
C ASN A 153 -17.44 -2.53 -12.08
N TRP A 154 -16.14 -2.55 -11.77
CA TRP A 154 -15.57 -3.42 -10.76
C TRP A 154 -15.32 -2.59 -9.50
N ILE A 155 -15.99 -2.94 -8.41
CA ILE A 155 -15.83 -2.27 -7.13
C ILE A 155 -15.04 -3.18 -6.20
N LEU A 156 -14.05 -2.60 -5.53
CA LEU A 156 -13.18 -3.32 -4.60
C LEU A 156 -13.15 -2.55 -3.30
N LYS A 157 -13.56 -3.19 -2.21
CA LYS A 157 -13.65 -2.53 -0.91
C LYS A 157 -12.73 -3.22 0.09
N ILE A 158 -11.94 -2.41 0.79
CA ILE A 158 -11.10 -2.84 1.91
C ILE A 158 -11.65 -2.16 3.15
N GLU A 159 -12.19 -2.94 4.08
CA GLU A 159 -12.79 -2.43 5.29
C GLU A 159 -12.07 -2.98 6.52
N ASP A 160 -11.85 -2.12 7.51
CA ASP A 160 -11.25 -2.58 8.77
C ASP A 160 -12.15 -2.19 9.94
N GLU A 161 -11.82 -2.74 11.10
CA GLU A 161 -12.47 -2.35 12.36
C GLU A 161 -11.72 -1.26 13.09
N GLY A 162 -10.61 -0.78 12.54
CA GLY A 162 -9.79 0.20 13.20
C GLY A 162 -10.28 1.61 13.03
N PRO A 163 -9.45 2.58 13.38
CA PRO A 163 -9.88 3.99 13.32
C PRO A 163 -9.79 4.55 11.91
N GLY A 164 -9.98 5.86 11.78
CA GLY A 164 -9.95 6.50 10.48
C GLY A 164 -9.25 7.84 10.47
N ILE A 165 -9.54 8.65 9.45
CA ILE A 165 -8.93 9.97 9.29
C ILE A 165 -10.03 10.97 8.92
N ALA A 166 -9.98 12.14 9.55
CA ALA A 166 -10.98 13.19 9.29
C ALA A 166 -10.26 14.52 9.19
N THR A 167 -10.25 15.10 8.00
CA THR A 167 -9.62 16.39 7.76
C THR A 167 -10.21 17.00 6.50
N GLU A 168 -10.46 18.31 6.53
CA GLU A 168 -11.02 19.02 5.38
C GLU A 168 -10.10 18.94 4.16
N ASP A 171 -8.66 16.63 2.01
CA ASP A 171 -8.44 15.19 2.12
C ASP A 171 -7.16 14.89 2.89
N ASP A 172 -6.02 15.19 2.28
CA ASP A 172 -4.68 14.98 2.83
C ASP A 172 -4.39 13.50 3.09
N LEU A 173 -5.26 12.59 2.67
CA LEU A 173 -5.02 11.17 2.85
C LEU A 173 -4.08 10.63 1.79
N PHE A 174 -4.40 10.84 0.51
CA PHE A 174 -3.56 10.42 -0.58
C PHE A 174 -2.43 11.42 -0.87
N LYS A 175 -2.25 12.41 0.00
CA LYS A 175 -1.11 13.30 -0.10
C LYS A 175 0.16 12.53 0.28
N PRO A 176 1.32 12.95 -0.22
CA PRO A 176 2.55 12.18 0.01
C PRO A 176 3.16 12.49 1.38
N PHE A 177 3.42 11.43 2.14
CA PHE A 177 4.13 11.51 3.42
C PHE A 177 3.52 12.53 4.37
N THR A 191 8.19 3.23 3.38
CA THR A 191 6.83 2.70 3.38
C THR A 191 5.80 3.82 3.49
N GLY A 192 6.28 5.07 3.42
CA GLY A 192 5.40 6.20 3.43
C GLY A 192 4.75 6.46 2.08
N LEU A 193 3.82 7.42 2.08
CA LEU A 193 3.11 7.88 0.88
C LEU A 193 2.56 6.74 0.03
N GLY A 194 2.39 5.55 0.62
CA GLY A 194 1.82 4.44 -0.13
C GLY A 194 0.43 4.73 -0.66
N LEU A 195 -0.34 5.51 0.10
CA LEU A 195 -1.67 5.91 -0.38
C LEU A 195 -1.56 6.84 -1.59
N ALA A 196 -0.51 7.64 -1.66
CA ALA A 196 -0.28 8.47 -2.84
C ALA A 196 -0.04 7.61 -4.07
N VAL A 197 0.74 6.53 -3.92
CA VAL A 197 0.98 5.62 -5.03
C VAL A 197 -0.30 4.88 -5.40
N VAL A 198 -1.09 4.48 -4.40
CA VAL A 198 -2.37 3.83 -4.68
C VAL A 198 -3.25 4.75 -5.52
N HIS A 199 -3.34 6.02 -5.11
CA HIS A 199 -4.17 6.98 -5.84
C HIS A 199 -3.63 7.22 -7.24
N ALA A 200 -2.30 7.30 -7.39
CA ALA A 200 -1.71 7.53 -8.69
C ALA A 200 -1.98 6.37 -9.64
N ILE A 201 -1.83 5.14 -9.15
CA ILE A 201 -2.12 3.98 -9.99
C ILE A 201 -3.60 3.94 -10.35
N ILE A 202 -4.48 4.22 -9.39
CA ILE A 202 -5.91 4.23 -9.68
C ILE A 202 -6.23 5.28 -10.74
N VAL A 203 -5.55 6.42 -10.69
CA VAL A 203 -5.75 7.44 -11.71
C VAL A 203 -5.25 6.95 -13.07
N ALA A 204 -4.10 6.26 -13.08
CA ALA A 204 -3.61 5.69 -14.33
C ALA A 204 -4.61 4.70 -14.92
N LEU A 205 -5.21 3.86 -14.07
CA LEU A 205 -6.28 3.00 -14.52
C LEU A 205 -7.55 3.82 -14.74
N LYS A 206 -8.56 3.18 -15.34
CA LYS A 206 -9.83 3.84 -15.61
C LYS A 206 -10.73 3.70 -14.37
N GLY A 207 -10.32 4.38 -13.30
CA GLY A 207 -11.04 4.22 -12.04
C GLY A 207 -10.81 5.38 -11.09
N THR A 208 -11.63 5.38 -10.04
CA THR A 208 -11.58 6.35 -8.96
C THR A 208 -11.49 5.63 -7.63
N ILE A 209 -11.14 6.37 -6.59
CA ILE A 209 -11.00 5.81 -5.24
C ILE A 209 -11.58 6.79 -4.23
N GLN A 210 -12.34 6.26 -3.28
CA GLN A 210 -12.99 7.06 -2.24
C GLN A 210 -12.71 6.45 -0.88
N TYR A 211 -12.77 7.29 0.16
CA TYR A 211 -12.48 6.87 1.52
C TYR A 211 -13.63 7.28 2.43
N SER A 212 -13.97 6.39 3.37
CA SER A 212 -15.05 6.66 4.32
C SER A 212 -14.63 6.24 5.71
N ASN A 213 -14.89 7.10 6.68
CA ASN A 213 -14.58 6.84 8.09
C ASN A 213 -15.87 7.01 8.90
N GLN A 214 -16.54 5.89 9.19
CA GLN A 214 -17.76 5.90 9.97
C GLN A 214 -17.51 5.74 11.46
N GLY A 215 -16.30 6.03 11.93
CA GLY A 215 -15.96 5.89 13.33
C GLY A 215 -15.67 4.45 13.72
N SER A 216 -16.66 3.58 13.53
CA SER A 216 -16.46 2.16 13.82
C SER A 216 -15.77 1.44 12.67
N LYS A 217 -15.93 1.93 11.44
CA LYS A 217 -15.38 1.27 10.26
C LYS A 217 -14.61 2.29 9.42
N SER A 218 -13.51 1.85 8.84
CA SER A 218 -12.75 2.63 7.86
C SER A 218 -12.69 1.83 6.57
N ILE A 219 -13.12 2.44 5.47
CA ILE A 219 -13.37 1.74 4.21
C ILE A 219 -12.68 2.50 3.08
N PHE A 220 -11.88 1.76 2.29
CA PHE A 220 -11.37 2.23 1.01
C PHE A 220 -12.16 1.56 -0.11
N THR A 221 -12.64 2.35 -1.06
CA THR A 221 -13.42 1.84 -2.17
C THR A 221 -12.75 2.25 -3.48
N ILE A 222 -12.56 1.28 -4.37
CA ILE A 222 -11.92 1.50 -5.67
C ILE A 222 -12.91 1.05 -6.73
N LYS A 223 -13.30 1.98 -7.60
CA LYS A 223 -14.25 1.71 -8.67
C LYS A 223 -13.53 1.85 -10.00
N ILE A 224 -13.40 0.74 -10.72
CA ILE A 224 -12.67 0.72 -11.99
C ILE A 224 -13.65 0.31 -13.09
N SER A 225 -13.75 1.13 -14.14
CA SER A 225 -14.66 0.84 -15.23
C SER A 225 -14.03 -0.20 -16.15
N MET A 226 -14.81 -1.24 -16.48
CA MET A 226 -14.33 -2.28 -17.39
C MET A 226 -14.52 -1.86 -18.84
N ASN A 227 -15.72 -1.38 -19.18
CA ASN A 227 -16.04 -0.99 -20.55
C ASN A 227 -15.20 0.22 -20.94
N ASN A 228 -14.10 -0.04 -21.65
CA ASN A 228 -13.17 0.99 -22.12
C ASN A 228 -12.94 2.12 -21.13
#